data_2PXU
#
_entry.id   2PXU
#
_cell.length_a   132.730
_cell.length_b   78.180
_cell.length_c   32.500
_cell.angle_alpha   90.00
_cell.angle_beta   95.72
_cell.angle_gamma   90.00
#
_symmetry.space_group_name_H-M   'C 1 2 1'
#
loop_
_entity.id
_entity.type
_entity.pdbx_description
1 polymer '4.5 S RNA'
2 polymer 'Signal recognition particle protein'
3 non-polymer 'COBALT HEXAMMINE(III)'
#
loop_
_entity_poly.entity_id
_entity_poly.type
_entity_poly.pdbx_seq_one_letter_code
_entity_poly.pdbx_strand_id
1 'polyribonucleotide' GGUGCUGUUUACCAGGUCAGGUCCGAAAGGAAGCAGCCAAGGCAGCGCC B
2 'polypeptide(L)'
;FDLNDFLEQLRQMKN(MSE)GG(MSE)ASL(MSE)GKLPG(MSE)GQIPDNVKSQ(MSE)DDKVLVR(MSE)EAIINS
(MSE)T(MSE)KERAKPEIIKGSRKRRIAAGSG(MSE)QVQDVNRLLKQFDD(MSE)QR(MSE)(MSE)KK(MSE)
;
A
#
# COMPACT_ATOMS: atom_id res chain seq x y z
N PHE B 1 8.59 10.41 5.72
CA PHE B 1 8.67 9.29 4.72
C PHE B 1 7.33 8.60 4.53
N ASP B 2 6.67 8.87 3.40
CA ASP B 2 5.36 8.25 3.12
C ASP B 2 5.37 7.25 1.97
N LEU B 3 4.18 6.81 1.58
CA LEU B 3 4.00 5.86 0.51
C LEU B 3 4.27 6.45 -0.86
N ASN B 4 4.25 7.77 -0.96
CA ASN B 4 4.54 8.40 -2.23
C ASN B 4 6.01 8.06 -2.49
N ASP B 5 6.78 8.07 -1.40
CA ASP B 5 8.20 7.75 -1.44
C ASP B 5 8.42 6.29 -1.74
N PHE B 6 7.90 5.44 -0.87
CA PHE B 6 8.04 4.00 -1.05
C PHE B 6 7.80 3.60 -2.50
N LEU B 7 6.96 4.37 -3.20
CA LEU B 7 6.66 4.10 -4.60
C LEU B 7 7.87 4.38 -5.48
N GLU B 8 8.52 5.52 -5.25
CA GLU B 8 9.70 5.90 -6.01
C GLU B 8 10.76 4.81 -5.97
N GLN B 9 10.71 3.95 -4.95
CA GLN B 9 11.66 2.86 -4.80
C GLN B 9 11.13 1.59 -5.47
N LYS B 43 7.51 -8.45 -12.03
CA LYS B 43 6.23 -9.14 -11.84
C LYS B 43 5.69 -8.92 -10.43
N VAL B 44 6.59 -8.77 -9.46
CA VAL B 44 6.21 -8.53 -8.08
C VAL B 44 6.39 -7.06 -7.74
N LEU B 45 7.01 -6.33 -8.66
CA LEU B 45 7.23 -4.89 -8.48
C LEU B 45 6.11 -4.13 -9.18
N VAL B 46 5.74 -4.59 -10.38
CA VAL B 46 4.68 -3.97 -11.14
C VAL B 46 3.38 -4.11 -10.36
N ARG B 47 3.27 -5.19 -9.60
CA ARG B 47 2.10 -5.44 -8.79
C ARG B 47 2.14 -4.63 -7.49
N GLU B 49 3.16 -1.57 -7.49
CA GLU B 49 2.82 -0.23 -7.91
C GLU B 49 1.31 -0.25 -8.13
N ALA B 50 0.82 -1.32 -8.73
CA ALA B 50 -0.60 -1.49 -9.01
C ALA B 50 -1.44 -1.14 -7.78
N ILE B 51 -1.03 -1.68 -6.64
CA ILE B 51 -1.71 -1.47 -5.38
C ILE B 51 -1.67 0.01 -4.93
N ILE B 52 -0.47 0.58 -4.79
CA ILE B 52 -0.38 1.97 -4.38
C ILE B 52 -1.17 2.80 -5.40
N ASN B 53 -1.07 2.44 -6.67
CA ASN B 53 -1.79 3.13 -7.72
C ASN B 53 -3.31 3.11 -7.51
N SER B 54 -3.79 2.20 -6.67
CA SER B 54 -5.23 2.13 -6.40
C SER B 54 -5.61 2.91 -5.15
N THR B 56 -5.56 6.48 -2.64
CA THR B 56 -5.81 7.90 -2.81
C THR B 56 -4.61 8.68 -2.23
N LYS B 58 -4.50 10.74 0.22
CA LYS B 58 -4.55 10.67 1.67
C LYS B 58 -4.06 9.32 2.23
N GLU B 59 -4.38 8.23 1.54
CA GLU B 59 -3.95 6.91 1.98
C GLU B 59 -2.43 6.75 1.83
N ARG B 60 -1.86 7.43 0.86
CA ARG B 60 -0.42 7.37 0.64
C ARG B 60 0.28 8.29 1.63
N ALA B 61 -0.45 9.29 2.13
CA ALA B 61 0.11 10.22 3.09
C ALA B 61 -0.03 9.76 4.54
N LYS B 62 -0.98 8.85 4.79
CA LYS B 62 -1.21 8.34 6.15
C LYS B 62 -1.64 6.87 6.17
N PRO B 63 -0.80 5.97 5.62
CA PRO B 63 -1.11 4.53 5.59
C PRO B 63 -1.90 3.99 6.79
N GLU B 64 -1.63 4.51 7.98
CA GLU B 64 -2.32 4.03 9.18
C GLU B 64 -3.84 4.15 9.09
N ILE B 65 -4.34 5.12 8.33
CA ILE B 65 -5.77 5.33 8.17
C ILE B 65 -6.46 4.23 7.37
N ILE B 66 -5.67 3.35 6.77
CA ILE B 66 -6.21 2.27 5.94
C ILE B 66 -6.62 1.01 6.69
N LYS B 67 -7.92 0.86 6.95
CA LYS B 67 -8.42 -0.32 7.63
C LYS B 67 -9.06 -1.27 6.59
N GLY B 68 -9.91 -2.18 7.06
CA GLY B 68 -10.54 -3.14 6.18
C GLY B 68 -11.24 -2.60 4.95
N SER B 69 -12.21 -1.72 5.15
CA SER B 69 -12.97 -1.19 4.04
C SER B 69 -12.11 -0.67 2.88
N ARG B 70 -11.15 0.17 3.21
CA ARG B 70 -10.28 0.72 2.19
C ARG B 70 -9.45 -0.39 1.58
N LYS B 71 -8.90 -1.28 2.42
CA LYS B 71 -8.12 -2.40 1.89
C LYS B 71 -8.94 -3.03 0.77
N ARG B 72 -10.17 -3.41 1.09
CA ARG B 72 -11.05 -4.00 0.09
C ARG B 72 -11.11 -3.19 -1.18
N ARG B 73 -11.34 -1.88 -1.08
CA ARG B 73 -11.43 -1.06 -2.28
C ARG B 73 -10.20 -1.17 -3.16
N ILE B 74 -9.03 -1.12 -2.52
CA ILE B 74 -7.74 -1.19 -3.19
C ILE B 74 -7.42 -2.53 -3.81
N ALA B 75 -7.73 -3.61 -3.11
CA ALA B 75 -7.45 -4.95 -3.64
C ALA B 75 -8.20 -5.12 -4.95
N ALA B 76 -9.53 -5.02 -4.90
CA ALA B 76 -10.32 -5.17 -6.11
C ALA B 76 -9.91 -4.16 -7.17
N GLY B 77 -9.65 -2.93 -6.75
CA GLY B 77 -9.26 -1.90 -7.70
C GLY B 77 -8.01 -2.17 -8.50
N SER B 78 -7.12 -2.98 -7.94
CA SER B 78 -5.88 -3.34 -8.62
C SER B 78 -5.79 -4.84 -8.85
N GLY B 79 -6.95 -5.47 -9.02
CA GLY B 79 -7.02 -6.90 -9.28
C GLY B 79 -6.27 -7.81 -8.34
N GLN B 81 -5.67 -9.17 -3.97
CA GLN B 81 -6.41 -9.76 -2.85
C GLN B 81 -5.98 -8.95 -1.62
N VAL B 82 -6.84 -8.83 -0.61
CA VAL B 82 -6.48 -8.05 0.57
C VAL B 82 -5.14 -8.52 1.15
N GLN B 83 -4.93 -9.84 1.17
CA GLN B 83 -3.68 -10.35 1.72
C GLN B 83 -2.50 -9.70 0.98
N ASP B 84 -2.60 -9.60 -0.34
CA ASP B 84 -1.57 -8.95 -1.15
C ASP B 84 -1.31 -7.55 -0.62
N VAL B 85 -2.37 -6.75 -0.49
CA VAL B 85 -2.28 -5.37 0.00
C VAL B 85 -1.56 -5.32 1.36
N ASN B 86 -2.07 -6.07 2.32
CA ASN B 86 -1.46 -6.13 3.65
C ASN B 86 0.03 -6.41 3.49
N ARG B 87 0.35 -7.30 2.56
CA ARG B 87 1.73 -7.65 2.28
C ARG B 87 2.49 -6.38 1.94
N LEU B 88 1.95 -5.62 1.00
CA LEU B 88 2.57 -4.37 0.56
C LEU B 88 2.62 -3.41 1.74
N LEU B 89 1.55 -3.42 2.54
CA LEU B 89 1.44 -2.57 3.72
C LEU B 89 2.47 -3.03 4.75
N LYS B 90 2.68 -4.34 4.80
CA LYS B 90 3.64 -4.98 5.69
C LYS B 90 5.05 -4.50 5.34
N GLN B 91 5.37 -4.48 4.04
CA GLN B 91 6.67 -4.04 3.60
C GLN B 91 6.96 -2.60 3.96
N PHE B 92 6.09 -1.69 3.55
CA PHE B 92 6.26 -0.27 3.84
C PHE B 92 6.53 -0.04 5.32
N ASP B 93 5.79 -0.75 6.16
CA ASP B 93 5.94 -0.62 7.60
C ASP B 93 7.39 -0.92 8.00
N ASP B 94 7.92 -2.07 7.56
CA ASP B 94 9.30 -2.43 7.88
C ASP B 94 10.25 -1.40 7.29
N GLN B 96 9.58 1.72 6.63
CA GLN B 96 9.42 2.96 7.38
C GLN B 96 10.13 2.79 8.72
N ARG B 97 9.88 1.66 9.38
CA ARG B 97 10.50 1.38 10.66
C ARG B 97 12.01 1.46 10.54
N LYS B 100 13.17 5.06 10.80
CA LYS B 100 13.14 5.72 12.10
C LYS B 100 14.28 5.11 12.92
N LYS B 101 15.39 4.86 12.23
CA LYS B 101 16.58 4.27 12.85
C LYS B 101 17.84 4.81 12.20
#